data_2M6P
#
_entry.id   2M6P
#
_entity_poly.entity_id   1
_entity_poly.type   'polypeptide(L)'
_entity_poly.pdbx_seq_one_letter_code
;PRQIARYRTDNGEEFEVPFADDAEIPGTWLCRNGMEGTLIEGDLPE
;
_entity_poly.pdbx_strand_id   A
#
# COMPACT_ATOMS: atom_id res chain seq x y z
N PRO A 1 0.56 -10.85 -4.71
CA PRO A 1 0.17 -11.80 -3.65
C PRO A 1 -1.18 -11.40 -3.04
N ARG A 2 -1.92 -12.39 -2.55
CA ARG A 2 -3.26 -12.15 -2.01
C ARG A 2 -3.16 -11.78 -0.53
N GLN A 3 -2.71 -10.57 -0.28
CA GLN A 3 -2.54 -10.10 1.07
C GLN A 3 -3.19 -8.75 1.26
N ILE A 4 -3.47 -8.40 2.50
CA ILE A 4 -3.98 -7.09 2.83
C ILE A 4 -2.81 -6.13 2.87
N ALA A 5 -2.80 -5.20 1.95
CA ALA A 5 -1.69 -4.28 1.84
C ALA A 5 -1.93 -3.10 2.75
N ARG A 6 -0.85 -2.54 3.27
CA ARG A 6 -0.94 -1.53 4.30
C ARG A 6 -0.03 -0.36 3.97
N TYR A 7 -0.62 0.71 3.50
CA TYR A 7 0.13 1.87 3.11
C TYR A 7 0.09 2.90 4.24
N ARG A 8 1.27 3.30 4.70
CA ARG A 8 1.37 4.26 5.79
C ARG A 8 1.56 5.64 5.21
N THR A 9 0.63 6.52 5.51
CA THR A 9 0.61 7.86 4.95
C THR A 9 1.54 8.79 5.72
N ASP A 10 1.67 10.03 5.23
CA ASP A 10 2.53 11.04 5.83
C ASP A 10 2.12 11.31 7.28
N ASN A 11 0.85 11.12 7.58
CA ASN A 11 0.32 11.33 8.92
C ASN A 11 0.67 10.15 9.83
N GLY A 12 1.12 9.05 9.23
CA GLY A 12 1.39 7.86 10.01
C GLY A 12 0.21 6.92 10.02
N GLU A 13 -0.90 7.38 9.45
CA GLU A 13 -2.10 6.58 9.32
C GLU A 13 -1.84 5.40 8.41
N GLU A 14 -2.18 4.21 8.87
CA GLU A 14 -2.01 3.00 8.07
C GLU A 14 -3.30 2.68 7.34
N PHE A 15 -3.19 2.29 6.09
CA PHE A 15 -4.36 2.03 5.26
C PHE A 15 -4.38 0.61 4.77
N GLU A 16 -5.47 -0.08 5.03
CA GLU A 16 -5.63 -1.46 4.60
C GLU A 16 -6.39 -1.54 3.28
N VAL A 17 -5.88 -2.39 2.39
CA VAL A 17 -6.43 -2.53 1.05
C VAL A 17 -6.16 -3.94 0.55
N PRO A 18 -7.19 -4.78 0.47
CA PRO A 18 -7.06 -6.18 0.05
C PRO A 18 -6.81 -6.33 -1.45
N PHE A 19 -5.68 -6.95 -1.78
CA PHE A 19 -5.34 -7.23 -3.17
C PHE A 19 -5.41 -8.73 -3.45
N ALA A 20 -5.53 -9.09 -4.71
CA ALA A 20 -5.56 -10.49 -5.11
C ALA A 20 -4.14 -10.98 -5.41
N ASP A 21 -3.98 -12.29 -5.56
CA ASP A 21 -2.65 -12.88 -5.74
C ASP A 21 -2.10 -12.62 -7.13
N ASP A 22 -2.89 -12.03 -8.00
CA ASP A 22 -2.44 -11.68 -9.34
C ASP A 22 -1.87 -10.27 -9.36
N ALA A 23 -2.13 -9.52 -8.29
CA ALA A 23 -1.70 -8.14 -8.21
C ALA A 23 -0.39 -8.00 -7.43
N GLU A 24 0.52 -7.21 -7.97
CA GLU A 24 1.78 -6.92 -7.30
C GLU A 24 1.60 -5.78 -6.32
N ILE A 25 2.33 -5.83 -5.20
CA ILE A 25 2.17 -4.85 -4.15
C ILE A 25 3.33 -3.85 -4.14
N PRO A 26 3.06 -2.59 -4.48
CA PRO A 26 4.04 -1.51 -4.42
C PRO A 26 4.10 -0.88 -3.03
N GLY A 27 5.11 -0.04 -2.81
CA GLY A 27 5.20 0.66 -1.54
C GLY A 27 4.65 2.06 -1.62
N THR A 28 3.88 2.35 -2.66
CA THR A 28 3.17 3.61 -2.75
C THR A 28 1.83 3.43 -3.45
N TRP A 29 0.81 4.08 -2.93
CA TRP A 29 -0.55 3.90 -3.42
C TRP A 29 -1.43 5.04 -2.90
N LEU A 30 -2.18 5.66 -3.79
CA LEU A 30 -3.09 6.73 -3.41
C LEU A 30 -4.16 6.19 -2.48
N CYS A 31 -4.23 6.72 -1.27
CA CYS A 31 -5.12 6.19 -0.25
C CYS A 31 -6.37 7.05 -0.15
N ARG A 32 -7.29 6.63 0.71
CA ARG A 32 -8.59 7.29 0.86
C ARG A 32 -8.44 8.69 1.45
N ASN A 33 -7.23 9.02 1.90
CA ASN A 33 -6.95 10.34 2.45
C ASN A 33 -6.46 11.30 1.37
N GLY A 34 -6.08 10.76 0.22
CA GLY A 34 -5.63 11.62 -0.86
C GLY A 34 -4.12 11.77 -0.88
N MET A 35 -3.45 10.88 -0.17
CA MET A 35 -1.99 10.86 -0.12
C MET A 35 -1.51 9.46 -0.46
N GLU A 36 -0.37 9.38 -1.13
CA GLU A 36 0.22 8.09 -1.44
C GLU A 36 0.93 7.52 -0.21
N GLY A 37 0.33 6.51 0.37
CA GLY A 37 0.93 5.88 1.53
C GLY A 37 1.99 4.87 1.14
N THR A 38 2.92 4.63 2.04
CA THR A 38 3.98 3.67 1.79
C THR A 38 3.70 2.34 2.47
N LEU A 39 3.51 1.30 1.66
CA LEU A 39 3.37 -0.05 2.17
C LEU A 39 4.72 -0.51 2.68
N ILE A 40 4.68 -1.18 3.81
CA ILE A 40 5.88 -1.57 4.51
C ILE A 40 6.58 -2.70 3.77
N GLU A 41 7.62 -2.32 3.04
CA GLU A 41 8.42 -3.22 2.21
C GLU A 41 7.58 -3.87 1.12
N GLY A 42 7.61 -3.27 -0.07
CA GLY A 42 6.79 -3.77 -1.15
C GLY A 42 7.58 -4.06 -2.41
N ASP A 43 7.59 -3.10 -3.33
CA ASP A 43 8.19 -3.29 -4.65
C ASP A 43 9.70 -3.12 -4.62
N LEU A 44 10.32 -3.39 -5.76
CA LEU A 44 11.77 -3.35 -5.88
C LEU A 44 12.24 -1.99 -6.40
N PRO A 45 12.97 -1.23 -5.59
CA PRO A 45 13.55 0.05 -6.00
C PRO A 45 14.55 -0.12 -7.13
N GLU A 46 14.76 0.95 -7.90
CA GLU A 46 15.74 0.95 -8.96
C GLU A 46 17.03 1.60 -8.47
N PRO A 1 -1.53 -15.93 -1.61
CA PRO A 1 -2.99 -15.95 -1.80
C PRO A 1 -3.66 -14.99 -0.82
N ARG A 2 -4.35 -14.00 -1.38
CA ARG A 2 -5.06 -12.98 -0.59
C ARG A 2 -4.13 -12.32 0.42
N GLN A 3 -3.30 -11.41 -0.06
CA GLN A 3 -2.36 -10.72 0.81
C GLN A 3 -2.80 -9.28 1.05
N ILE A 4 -2.88 -8.90 2.30
CA ILE A 4 -3.31 -7.57 2.67
C ILE A 4 -2.13 -6.62 2.74
N ALA A 5 -2.15 -5.60 1.90
CA ALA A 5 -1.11 -4.60 1.92
C ALA A 5 -1.51 -3.51 2.89
N ARG A 6 -0.53 -2.84 3.47
CA ARG A 6 -0.82 -1.83 4.46
C ARG A 6 0.04 -0.61 4.23
N TYR A 7 -0.57 0.43 3.72
CA TYR A 7 0.14 1.63 3.34
C TYR A 7 0.04 2.66 4.44
N ARG A 8 1.18 3.12 4.92
CA ARG A 8 1.20 4.15 5.95
C ARG A 8 1.47 5.51 5.30
N THR A 9 0.55 6.42 5.50
CA THR A 9 0.66 7.75 4.93
C THR A 9 1.52 8.66 5.80
N ASP A 10 1.87 9.82 5.26
CA ASP A 10 2.66 10.81 5.99
C ASP A 10 1.92 11.25 7.26
N ASN A 11 0.61 11.08 7.26
CA ASN A 11 -0.22 11.43 8.41
C ASN A 11 -0.07 10.39 9.51
N GLY A 12 0.48 9.23 9.17
CA GLY A 12 0.62 8.16 10.13
C GLY A 12 -0.51 7.15 10.01
N GLU A 13 -1.40 7.38 9.06
CA GLU A 13 -2.53 6.50 8.82
C GLU A 13 -2.05 5.21 8.17
N GLU A 14 -2.39 4.08 8.76
CA GLU A 14 -2.07 2.79 8.19
C GLU A 14 -3.30 2.21 7.49
N PHE A 15 -3.19 1.98 6.20
CA PHE A 15 -4.33 1.54 5.41
C PHE A 15 -4.20 0.07 5.05
N GLU A 16 -5.19 -0.72 5.45
CA GLU A 16 -5.20 -2.14 5.16
C GLU A 16 -6.08 -2.41 3.94
N VAL A 17 -5.49 -3.00 2.92
CA VAL A 17 -6.14 -3.19 1.64
C VAL A 17 -5.84 -4.57 1.08
N PRO A 18 -6.79 -5.50 1.24
CA PRO A 18 -6.66 -6.87 0.75
C PRO A 18 -6.78 -6.94 -0.77
N PHE A 19 -5.66 -7.14 -1.44
CA PHE A 19 -5.62 -7.24 -2.88
C PHE A 19 -5.74 -8.69 -3.32
N ALA A 20 -5.91 -8.87 -4.62
CA ALA A 20 -5.88 -10.20 -5.20
C ALA A 20 -4.47 -10.49 -5.69
N ASP A 21 -4.14 -11.77 -5.84
CA ASP A 21 -2.79 -12.17 -6.25
C ASP A 21 -2.56 -11.87 -7.72
N ASP A 22 -3.58 -11.36 -8.39
CA ASP A 22 -3.50 -11.03 -9.81
C ASP A 22 -2.84 -9.67 -10.01
N ALA A 23 -2.68 -8.92 -8.93
CA ALA A 23 -2.13 -7.58 -9.01
C ALA A 23 -0.75 -7.51 -8.37
N GLU A 24 0.01 -6.48 -8.72
CA GLU A 24 1.33 -6.27 -8.14
C GLU A 24 1.22 -5.35 -6.92
N ILE A 25 2.07 -5.58 -5.93
CA ILE A 25 1.99 -4.84 -4.67
C ILE A 25 3.16 -3.85 -4.56
N PRO A 26 2.87 -2.55 -4.73
CA PRO A 26 3.85 -1.48 -4.59
C PRO A 26 3.95 -0.97 -3.15
N GLY A 27 4.89 -0.06 -2.93
CA GLY A 27 5.00 0.58 -1.62
C GLY A 27 4.38 1.94 -1.61
N THR A 28 3.53 2.21 -2.59
CA THR A 28 2.78 3.44 -2.64
C THR A 28 1.39 3.22 -3.20
N TRP A 29 0.42 3.91 -2.61
CA TRP A 29 -0.97 3.75 -2.98
C TRP A 29 -1.73 5.03 -2.65
N LEU A 30 -2.24 5.69 -3.69
CA LEU A 30 -3.02 6.92 -3.52
C LEU A 30 -4.27 6.62 -2.71
N CYS A 31 -4.34 7.17 -1.50
CA CYS A 31 -5.43 6.85 -0.59
C CYS A 31 -6.48 7.93 -0.60
N ARG A 32 -7.55 7.74 0.16
CA ARG A 32 -8.65 8.70 0.25
C ARG A 32 -8.17 10.03 0.81
N ASN A 33 -7.02 10.01 1.48
CA ASN A 33 -6.45 11.20 2.08
C ASN A 33 -5.71 12.05 1.05
N GLY A 34 -5.50 11.49 -0.14
CA GLY A 34 -4.89 12.24 -1.22
C GLY A 34 -3.39 12.11 -1.23
N MET A 35 -2.87 11.30 -0.33
CA MET A 35 -1.45 11.07 -0.22
C MET A 35 -1.14 9.61 -0.54
N GLU A 36 0.00 9.36 -1.16
CA GLU A 36 0.39 8.00 -1.47
C GLU A 36 0.92 7.31 -0.22
N GLY A 37 0.12 6.40 0.32
CA GLY A 37 0.53 5.63 1.47
C GLY A 37 1.65 4.68 1.13
N THR A 38 2.54 4.47 2.07
CA THR A 38 3.69 3.61 1.84
C THR A 38 3.54 2.29 2.59
N LEU A 39 3.41 1.21 1.83
CA LEU A 39 3.42 -0.13 2.41
C LEU A 39 4.80 -0.39 2.96
N ILE A 40 4.85 -0.93 4.16
CA ILE A 40 6.07 -1.06 4.89
C ILE A 40 6.91 -2.18 4.30
N GLU A 41 7.95 -1.76 3.60
CA GLU A 41 8.83 -2.64 2.83
C GLU A 41 8.06 -3.35 1.73
N GLY A 42 7.93 -2.68 0.59
CA GLY A 42 7.18 -3.22 -0.52
C GLY A 42 8.07 -3.67 -1.66
N ASP A 43 7.58 -3.50 -2.89
CA ASP A 43 8.31 -3.91 -4.07
C ASP A 43 9.60 -3.12 -4.24
N LEU A 44 10.72 -3.82 -4.24
CA LEU A 44 12.02 -3.20 -4.37
C LEU A 44 12.58 -3.47 -5.76
N PRO A 45 13.33 -2.51 -6.33
CA PRO A 45 13.94 -2.67 -7.65
C PRO A 45 14.90 -3.85 -7.72
N GLU A 46 14.63 -4.79 -8.62
CA GLU A 46 15.45 -5.98 -8.76
C GLU A 46 16.38 -5.85 -9.96
N PRO A 1 -0.51 -11.39 -5.65
CA PRO A 1 -0.80 -12.28 -4.50
C PRO A 1 -2.05 -11.79 -3.77
N ARG A 2 -2.74 -12.70 -3.09
CA ARG A 2 -3.96 -12.37 -2.39
C ARG A 2 -3.64 -12.12 -0.92
N GLN A 3 -3.21 -10.91 -0.62
CA GLN A 3 -2.86 -10.54 0.73
C GLN A 3 -3.24 -9.09 1.02
N ILE A 4 -3.21 -8.72 2.28
CA ILE A 4 -3.55 -7.38 2.69
C ILE A 4 -2.30 -6.53 2.83
N ALA A 5 -2.21 -5.48 2.03
CA ALA A 5 -1.10 -4.55 2.13
C ALA A 5 -1.44 -3.44 3.12
N ARG A 6 -0.43 -2.82 3.67
CA ARG A 6 -0.63 -1.76 4.63
C ARG A 6 0.20 -0.55 4.25
N TYR A 7 -0.47 0.49 3.79
CA TYR A 7 0.22 1.70 3.37
C TYR A 7 0.18 2.73 4.48
N ARG A 8 1.35 3.21 4.86
CA ARG A 8 1.44 4.21 5.91
C ARG A 8 1.50 5.60 5.30
N THR A 9 0.65 6.47 5.78
CA THR A 9 0.64 7.85 5.33
C THR A 9 1.52 8.69 6.24
N ASP A 10 1.94 9.85 5.74
CA ASP A 10 2.81 10.74 6.51
C ASP A 10 2.08 11.26 7.75
N ASN A 11 0.75 11.13 7.72
CA ASN A 11 -0.09 11.53 8.84
C ASN A 11 0.03 10.52 9.98
N GLY A 12 0.56 9.35 9.66
CA GLY A 12 0.69 8.30 10.65
C GLY A 12 -0.41 7.27 10.53
N GLU A 13 -1.36 7.54 9.65
CA GLU A 13 -2.48 6.64 9.43
C GLU A 13 -2.03 5.45 8.60
N GLU A 14 -2.40 4.26 9.04
CA GLU A 14 -2.13 3.05 8.29
C GLU A 14 -3.37 2.64 7.53
N PHE A 15 -3.21 2.29 6.28
CA PHE A 15 -4.34 1.92 5.44
C PHE A 15 -4.23 0.48 4.96
N GLU A 16 -5.28 -0.29 5.24
CA GLU A 16 -5.34 -1.69 4.83
C GLU A 16 -6.01 -1.82 3.47
N VAL A 17 -5.42 -2.65 2.62
CA VAL A 17 -5.96 -2.87 1.28
C VAL A 17 -5.68 -4.30 0.82
N PRO A 18 -6.68 -5.18 0.95
CA PRO A 18 -6.59 -6.54 0.45
C PRO A 18 -6.67 -6.59 -1.07
N PHE A 19 -5.52 -6.67 -1.70
CA PHE A 19 -5.42 -6.66 -3.15
C PHE A 19 -5.83 -8.00 -3.74
N ALA A 20 -6.19 -7.97 -5.02
CA ALA A 20 -6.53 -9.18 -5.75
C ALA A 20 -5.29 -10.04 -5.95
N ASP A 21 -5.50 -11.33 -6.14
CA ASP A 21 -4.38 -12.26 -6.28
C ASP A 21 -3.58 -11.95 -7.52
N ASP A 22 -4.26 -11.41 -8.51
CA ASP A 22 -3.66 -11.07 -9.79
C ASP A 22 -3.06 -9.66 -9.78
N ALA A 23 -3.13 -9.01 -8.62
CA ALA A 23 -2.61 -7.65 -8.49
C ALA A 23 -1.22 -7.66 -7.87
N GLU A 24 -0.35 -6.81 -8.39
CA GLU A 24 0.99 -6.65 -7.85
C GLU A 24 0.98 -5.55 -6.79
N ILE A 25 1.75 -5.75 -5.72
CA ILE A 25 1.72 -4.84 -4.59
C ILE A 25 2.98 -3.97 -4.52
N PRO A 26 2.84 -2.67 -4.81
CA PRO A 26 3.93 -1.71 -4.69
C PRO A 26 4.00 -1.10 -3.30
N GLY A 27 5.04 -0.30 -3.06
CA GLY A 27 5.20 0.39 -1.80
C GLY A 27 4.59 1.77 -1.82
N THR A 28 3.95 2.12 -2.92
CA THR A 28 3.24 3.39 -3.00
C THR A 28 1.88 3.21 -3.65
N TRP A 29 0.88 3.85 -3.09
CA TRP A 29 -0.49 3.65 -3.51
C TRP A 29 -1.37 4.79 -3.00
N LEU A 30 -2.10 5.43 -3.91
CA LEU A 30 -2.97 6.53 -3.55
C LEU A 30 -4.09 6.03 -2.64
N CYS A 31 -4.25 6.66 -1.50
CA CYS A 31 -5.23 6.21 -0.51
C CYS A 31 -6.41 7.18 -0.47
N ARG A 32 -7.45 6.83 0.28
CA ARG A 32 -8.66 7.63 0.36
C ARG A 32 -8.39 8.97 1.05
N ASN A 33 -7.19 9.16 1.57
CA ASN A 33 -6.82 10.40 2.23
C ASN A 33 -6.21 11.38 1.23
N GLY A 34 -5.85 10.89 0.04
CA GLY A 34 -5.34 11.75 -1.00
C GLY A 34 -3.83 11.71 -1.10
N MET A 35 -3.21 10.88 -0.28
CA MET A 35 -1.76 10.73 -0.29
C MET A 35 -1.39 9.35 -0.82
N GLU A 36 -0.26 9.27 -1.50
CA GLU A 36 0.30 7.99 -1.89
C GLU A 36 0.99 7.36 -0.69
N GLY A 37 0.28 6.44 -0.04
CA GLY A 37 0.82 5.79 1.13
C GLY A 37 1.92 4.82 0.79
N THR A 38 2.72 4.48 1.78
CA THR A 38 3.85 3.57 1.58
C THR A 38 3.66 2.30 2.39
N LEU A 39 3.55 1.18 1.71
CA LEU A 39 3.55 -0.12 2.36
C LEU A 39 4.87 -0.30 3.09
N ILE A 40 4.79 -0.76 4.33
CA ILE A 40 5.97 -0.86 5.18
C ILE A 40 6.97 -1.83 4.56
N GLU A 41 7.98 -1.22 3.96
CA GLU A 41 9.02 -1.92 3.22
C GLU A 41 8.44 -2.79 2.10
N GLY A 42 8.08 -2.13 1.01
CA GLY A 42 7.58 -2.82 -0.15
C GLY A 42 8.42 -2.56 -1.37
N ASP A 43 7.81 -2.63 -2.54
CA ASP A 43 8.52 -2.39 -3.79
C ASP A 43 8.35 -0.94 -4.22
N LEU A 44 9.43 -0.18 -4.14
CA LEU A 44 9.38 1.25 -4.44
C LEU A 44 9.78 1.53 -5.87
N PRO A 45 8.91 2.18 -6.65
CA PRO A 45 9.22 2.60 -8.02
C PRO A 45 10.37 3.60 -8.07
N GLU A 46 11.40 3.27 -8.85
CA GLU A 46 12.57 4.14 -8.96
C GLU A 46 12.35 5.16 -10.07
N PRO A 1 1.01 -14.77 -1.27
CA PRO A 1 -0.09 -14.22 -2.11
C PRO A 1 -1.37 -14.15 -1.30
N ARG A 2 -2.41 -13.52 -1.88
CA ARG A 2 -3.68 -13.29 -1.17
C ARG A 2 -3.45 -12.41 0.05
N GLN A 3 -2.52 -11.48 -0.10
CA GLN A 3 -2.06 -10.67 1.02
C GLN A 3 -2.76 -9.33 1.06
N ILE A 4 -2.90 -8.79 2.26
CA ILE A 4 -3.47 -7.48 2.46
C ILE A 4 -2.35 -6.45 2.62
N ALA A 5 -2.40 -5.39 1.84
CA ALA A 5 -1.36 -4.38 1.90
C ALA A 5 -1.74 -3.32 2.92
N ARG A 6 -0.72 -2.69 3.49
CA ARG A 6 -0.93 -1.68 4.51
C ARG A 6 -0.08 -0.47 4.21
N TYR A 7 -0.71 0.59 3.76
CA TYR A 7 0.01 1.79 3.36
C TYR A 7 0.00 2.83 4.47
N ARG A 8 1.18 3.27 4.88
CA ARG A 8 1.30 4.27 5.92
C ARG A 8 1.54 5.65 5.30
N THR A 9 0.72 6.60 5.66
CA THR A 9 0.76 7.93 5.07
C THR A 9 1.69 8.87 5.81
N ASP A 10 1.76 10.10 5.30
CA ASP A 10 2.52 11.19 5.92
C ASP A 10 2.09 11.43 7.38
N ASN A 11 0.85 11.09 7.67
CA ASN A 11 0.32 11.26 9.02
C ASN A 11 0.65 10.06 9.89
N GLY A 12 1.17 9.01 9.27
CA GLY A 12 1.44 7.78 10.00
C GLY A 12 0.23 6.86 10.01
N GLU A 13 -0.81 7.27 9.28
CA GLU A 13 -2.03 6.48 9.18
C GLU A 13 -1.75 5.19 8.43
N GLU A 14 -2.29 4.09 8.91
CA GLU A 14 -2.12 2.80 8.25
C GLU A 14 -3.41 2.40 7.54
N PHE A 15 -3.29 2.09 6.26
CA PHE A 15 -4.44 1.70 5.46
C PHE A 15 -4.33 0.27 5.00
N GLU A 16 -5.31 -0.55 5.36
CA GLU A 16 -5.33 -1.94 4.92
C GLU A 16 -6.19 -2.08 3.67
N VAL A 17 -5.65 -2.77 2.67
CA VAL A 17 -6.30 -2.93 1.39
C VAL A 17 -5.96 -4.31 0.80
N PRO A 18 -6.93 -5.22 0.83
CA PRO A 18 -6.77 -6.56 0.28
C PRO A 18 -6.82 -6.57 -1.24
N PHE A 19 -5.65 -6.71 -1.85
CA PHE A 19 -5.53 -6.76 -3.30
C PHE A 19 -5.80 -8.16 -3.82
N ALA A 20 -6.08 -8.26 -5.10
CA ALA A 20 -6.10 -9.54 -5.77
C ALA A 20 -4.66 -10.02 -5.95
N ASP A 21 -4.42 -11.30 -5.74
CA ASP A 21 -3.06 -11.84 -5.74
C ASP A 21 -2.49 -11.88 -7.15
N ASP A 22 -3.27 -11.43 -8.13
CA ASP A 22 -2.83 -11.37 -9.50
C ASP A 22 -1.99 -10.12 -9.76
N ALA A 23 -2.01 -9.19 -8.81
CA ALA A 23 -1.30 -7.92 -8.96
C ALA A 23 -0.08 -7.86 -8.06
N GLU A 24 0.80 -6.89 -8.31
CA GLU A 24 1.99 -6.69 -7.49
C GLU A 24 1.70 -5.73 -6.35
N ILE A 25 2.45 -5.84 -5.26
CA ILE A 25 2.24 -4.99 -4.10
C ILE A 25 3.32 -3.93 -4.00
N PRO A 26 2.98 -2.69 -4.35
CA PRO A 26 3.92 -1.58 -4.28
C PRO A 26 3.98 -0.94 -2.90
N GLY A 27 4.89 -0.01 -2.73
CA GLY A 27 5.00 0.70 -1.46
C GLY A 27 4.35 2.06 -1.52
N THR A 28 3.53 2.28 -2.54
CA THR A 28 2.78 3.52 -2.67
C THR A 28 1.45 3.27 -3.34
N TRP A 29 0.39 3.87 -2.81
CA TRP A 29 -0.95 3.66 -3.31
C TRP A 29 -1.87 4.80 -2.87
N LEU A 30 -2.58 5.39 -3.82
CA LEU A 30 -3.47 6.51 -3.53
C LEU A 30 -4.51 6.12 -2.49
N CYS A 31 -4.57 6.90 -1.42
CA CYS A 31 -5.50 6.64 -0.34
C CYS A 31 -6.54 7.74 -0.28
N ARG A 32 -7.57 7.56 0.54
CA ARG A 32 -8.66 8.52 0.62
C ARG A 32 -8.20 9.86 1.16
N ASN A 33 -7.02 9.89 1.76
CA ASN A 33 -6.48 11.13 2.32
C ASN A 33 -5.80 11.95 1.23
N GLY A 34 -5.63 11.36 0.05
CA GLY A 34 -5.12 12.10 -1.10
C GLY A 34 -3.65 11.84 -1.36
N MET A 35 -3.04 11.05 -0.49
CA MET A 35 -1.64 10.72 -0.61
C MET A 35 -1.47 9.25 -0.96
N GLU A 36 -0.41 8.92 -1.68
CA GLU A 36 -0.05 7.54 -1.89
C GLU A 36 0.67 7.02 -0.64
N GLY A 37 -0.06 6.29 0.18
CA GLY A 37 0.52 5.75 1.40
C GLY A 37 1.63 4.76 1.10
N THR A 38 2.54 4.60 2.04
CA THR A 38 3.68 3.71 1.86
C THR A 38 3.46 2.37 2.55
N LEU A 39 3.30 1.33 1.77
CA LEU A 39 3.26 -0.03 2.31
C LEU A 39 4.64 -0.36 2.85
N ILE A 40 4.65 -0.97 4.01
CA ILE A 40 5.88 -1.19 4.73
C ILE A 40 6.67 -2.30 4.05
N GLU A 41 7.65 -1.87 3.28
CA GLU A 41 8.55 -2.73 2.51
C GLU A 41 7.79 -3.56 1.47
N GLY A 42 7.77 -3.05 0.24
CA GLY A 42 7.06 -3.72 -0.83
C GLY A 42 7.89 -3.84 -2.10
N ASP A 43 7.25 -4.17 -3.21
CA ASP A 43 7.95 -4.39 -4.47
C ASP A 43 8.45 -3.07 -5.05
N LEU A 44 9.49 -3.17 -5.88
CA LEU A 44 10.10 -2.00 -6.49
C LEU A 44 9.45 -1.66 -7.83
N PRO A 45 8.85 -0.46 -7.94
CA PRO A 45 8.33 0.04 -9.21
C PRO A 45 9.46 0.36 -10.18
N GLU A 46 9.46 -0.29 -11.34
CA GLU A 46 10.49 -0.05 -12.33
C GLU A 46 9.92 0.66 -13.54
N PRO A 1 -2.58 -17.01 -0.14
CA PRO A 1 -3.51 -16.35 -1.08
C PRO A 1 -4.22 -15.20 -0.39
N ARG A 2 -4.72 -14.25 -1.18
CA ARG A 2 -5.46 -13.10 -0.65
C ARG A 2 -4.61 -12.31 0.35
N GLN A 3 -3.86 -11.34 -0.17
CA GLN A 3 -2.94 -10.59 0.67
C GLN A 3 -3.43 -9.17 0.92
N ILE A 4 -3.30 -8.73 2.15
CA ILE A 4 -3.67 -7.36 2.52
C ILE A 4 -2.45 -6.47 2.52
N ALA A 5 -2.47 -5.46 1.66
CA ALA A 5 -1.38 -4.51 1.60
C ALA A 5 -1.66 -3.38 2.57
N ARG A 6 -0.61 -2.72 3.04
CA ARG A 6 -0.76 -1.76 4.12
C ARG A 6 0.09 -0.54 3.86
N TYR A 7 -0.56 0.53 3.42
CA TYR A 7 0.13 1.75 3.07
C TYR A 7 -0.02 2.78 4.17
N ARG A 8 1.11 3.26 4.68
CA ARG A 8 1.08 4.29 5.70
C ARG A 8 1.29 5.65 5.07
N THR A 9 0.39 6.57 5.36
CA THR A 9 0.46 7.90 4.81
C THR A 9 1.24 8.86 5.70
N ASP A 10 1.33 10.12 5.26
CA ASP A 10 2.27 11.08 5.85
C ASP A 10 1.94 11.43 7.29
N ASN A 11 0.70 11.23 7.71
CA ASN A 11 0.30 11.52 9.07
C ASN A 11 0.59 10.32 9.95
N GLY A 12 0.96 9.22 9.31
CA GLY A 12 1.30 8.03 10.04
C GLY A 12 0.16 7.03 10.10
N GLU A 13 -0.93 7.33 9.39
CA GLU A 13 -2.06 6.43 9.35
C GLU A 13 -1.80 5.32 8.35
N GLU A 14 -1.91 4.08 8.80
CA GLU A 14 -1.76 2.96 7.91
C GLU A 14 -3.12 2.51 7.40
N PHE A 15 -3.18 2.25 6.11
CA PHE A 15 -4.41 1.84 5.45
C PHE A 15 -4.31 0.40 4.99
N GLU A 16 -5.43 -0.31 5.04
CA GLU A 16 -5.47 -1.70 4.61
C GLU A 16 -6.23 -1.82 3.30
N VAL A 17 -5.65 -2.57 2.37
CA VAL A 17 -6.24 -2.78 1.07
C VAL A 17 -5.99 -4.21 0.62
N PRO A 18 -7.00 -5.08 0.77
CA PRO A 18 -6.90 -6.49 0.39
C PRO A 18 -6.89 -6.69 -1.12
N PHE A 19 -5.68 -6.86 -1.64
CA PHE A 19 -5.47 -7.15 -3.05
C PHE A 19 -5.52 -8.65 -3.31
N ALA A 20 -5.39 -9.00 -4.57
CA ALA A 20 -5.25 -10.38 -4.95
C ALA A 20 -3.78 -10.76 -4.95
N ASP A 21 -3.49 -11.98 -4.53
CA ASP A 21 -2.11 -12.45 -4.39
C ASP A 21 -1.46 -12.73 -5.75
N ASP A 22 -2.25 -12.59 -6.80
CA ASP A 22 -1.77 -12.80 -8.16
C ASP A 22 -1.40 -11.47 -8.81
N ALA A 23 -1.51 -10.39 -8.05
CA ALA A 23 -1.15 -9.07 -8.53
C ALA A 23 0.14 -8.60 -7.87
N GLU A 24 0.78 -7.60 -8.44
CA GLU A 24 1.99 -7.04 -7.83
C GLU A 24 1.60 -6.01 -6.79
N ILE A 25 2.27 -6.04 -5.66
CA ILE A 25 1.93 -5.15 -4.55
C ILE A 25 3.05 -4.14 -4.32
N PRO A 26 2.85 -2.90 -4.78
CA PRO A 26 3.84 -1.83 -4.62
C PRO A 26 3.81 -1.25 -3.21
N GLY A 27 4.77 -0.39 -2.92
CA GLY A 27 4.82 0.28 -1.64
C GLY A 27 4.39 1.71 -1.74
N THR A 28 3.68 2.04 -2.80
CA THR A 28 3.08 3.35 -2.96
C THR A 28 1.70 3.24 -3.60
N TRP A 29 0.76 3.99 -3.06
CA TRP A 29 -0.65 3.85 -3.45
C TRP A 29 -1.45 5.01 -2.90
N LEU A 30 -2.23 5.66 -3.77
CA LEU A 30 -3.08 6.77 -3.35
C LEU A 30 -4.11 6.28 -2.34
N CYS A 31 -4.23 6.98 -1.22
CA CYS A 31 -5.11 6.55 -0.14
C CYS A 31 -6.29 7.51 -0.02
N ARG A 32 -7.27 7.13 0.79
CA ARG A 32 -8.49 7.91 0.95
C ARG A 32 -8.22 9.33 1.46
N ASN A 33 -7.12 9.52 2.18
CA ASN A 33 -6.78 10.83 2.70
C ASN A 33 -6.26 11.75 1.58
N GLY A 34 -5.88 11.16 0.45
CA GLY A 34 -5.40 11.96 -0.66
C GLY A 34 -3.90 12.01 -0.72
N MET A 35 -3.26 11.26 0.17
CA MET A 35 -1.82 11.16 0.18
C MET A 35 -1.40 9.81 -0.39
N GLU A 36 -0.25 9.79 -1.04
CA GLU A 36 0.28 8.55 -1.58
C GLU A 36 0.93 7.76 -0.45
N GLY A 37 0.28 6.68 -0.04
CA GLY A 37 0.75 5.92 1.09
C GLY A 37 1.86 4.96 0.73
N THR A 38 2.64 4.58 1.73
CA THR A 38 3.75 3.68 1.55
C THR A 38 3.58 2.42 2.39
N LEU A 39 3.53 1.27 1.72
CA LEU A 39 3.45 -0.01 2.40
C LEU A 39 4.77 -0.22 3.14
N ILE A 40 4.67 -0.56 4.41
CA ILE A 40 5.83 -0.78 5.24
C ILE A 40 6.62 -1.97 4.71
N GLU A 41 7.64 -1.64 3.95
CA GLU A 41 8.47 -2.61 3.26
C GLU A 41 7.64 -3.48 2.32
N GLY A 42 7.40 -2.96 1.13
CA GLY A 42 6.64 -3.69 0.13
C GLY A 42 7.52 -4.17 -1.00
N ASP A 43 7.11 -3.92 -2.23
CA ASP A 43 7.94 -4.27 -3.38
C ASP A 43 8.87 -3.12 -3.70
N LEU A 44 10.16 -3.38 -3.60
CA LEU A 44 11.17 -2.36 -3.87
C LEU A 44 11.71 -2.54 -5.29
N PRO A 45 11.67 -1.47 -6.10
CA PRO A 45 12.11 -1.50 -7.50
C PRO A 45 13.53 -2.05 -7.65
N GLU A 46 13.72 -2.89 -8.65
CA GLU A 46 15.02 -3.49 -8.92
C GLU A 46 15.57 -2.94 -10.22
N PRO A 1 -1.11 -14.58 -4.85
CA PRO A 1 -1.82 -14.80 -3.58
C PRO A 1 -2.65 -13.58 -3.21
N ARG A 2 -3.60 -13.77 -2.31
CA ARG A 2 -4.49 -12.70 -1.88
C ARG A 2 -4.03 -12.15 -0.54
N GLN A 3 -3.09 -11.24 -0.60
CA GLN A 3 -2.52 -10.65 0.60
C GLN A 3 -3.00 -9.22 0.80
N ILE A 4 -2.99 -8.78 2.05
CA ILE A 4 -3.43 -7.45 2.40
C ILE A 4 -2.25 -6.50 2.50
N ALA A 5 -2.30 -5.41 1.76
CA ALA A 5 -1.23 -4.42 1.80
C ALA A 5 -1.54 -3.36 2.84
N ARG A 6 -0.50 -2.72 3.34
CA ARG A 6 -0.65 -1.71 4.39
C ARG A 6 0.14 -0.48 4.01
N TYR A 7 -0.55 0.55 3.56
CA TYR A 7 0.11 1.77 3.15
C TYR A 7 0.08 2.79 4.26
N ARG A 8 1.25 3.25 4.65
CA ARG A 8 1.38 4.18 5.75
C ARG A 8 1.49 5.60 5.23
N THR A 9 0.55 6.44 5.66
CA THR A 9 0.54 7.83 5.27
C THR A 9 1.40 8.66 6.20
N ASP A 10 1.83 9.83 5.75
CA ASP A 10 2.79 10.65 6.48
C ASP A 10 2.30 10.96 7.90
N ASN A 11 1.02 11.25 8.05
CA ASN A 11 0.47 11.58 9.37
C ASN A 11 0.39 10.34 10.28
N GLY A 12 0.73 9.18 9.73
CA GLY A 12 0.86 8.00 10.55
C GLY A 12 -0.27 7.00 10.40
N GLU A 13 -1.26 7.34 9.58
CA GLU A 13 -2.38 6.44 9.37
C GLU A 13 -1.99 5.29 8.46
N GLU A 14 -2.17 4.07 8.95
CA GLU A 14 -1.92 2.88 8.14
C GLU A 14 -3.22 2.45 7.48
N PHE A 15 -3.18 2.27 6.18
CA PHE A 15 -4.36 1.89 5.43
C PHE A 15 -4.25 0.47 4.90
N GLU A 16 -5.22 -0.36 5.25
CA GLU A 16 -5.26 -1.74 4.80
C GLU A 16 -6.04 -1.85 3.49
N VAL A 17 -5.50 -2.63 2.56
CA VAL A 17 -6.12 -2.83 1.26
C VAL A 17 -5.86 -4.24 0.76
N PRO A 18 -6.84 -5.14 0.95
CA PRO A 18 -6.77 -6.51 0.45
C PRO A 18 -6.89 -6.56 -1.07
N PHE A 19 -5.76 -6.80 -1.73
CA PHE A 19 -5.73 -6.90 -3.18
C PHE A 19 -6.18 -8.28 -3.64
N ALA A 20 -6.25 -8.45 -4.95
CA ALA A 20 -6.60 -9.73 -5.54
C ALA A 20 -5.37 -10.61 -5.66
N ASP A 21 -5.55 -11.80 -6.21
CA ASP A 21 -4.46 -12.77 -6.29
C ASP A 21 -3.50 -12.42 -7.42
N ASP A 22 -4.03 -11.74 -8.42
CA ASP A 22 -3.29 -11.43 -9.63
C ASP A 22 -2.62 -10.06 -9.54
N ALA A 23 -2.53 -9.51 -8.34
CA ALA A 23 -1.95 -8.19 -8.15
C ALA A 23 -0.70 -8.25 -7.27
N GLU A 24 0.31 -7.46 -7.63
CA GLU A 24 1.52 -7.34 -6.83
C GLU A 24 1.44 -6.09 -5.95
N ILE A 25 2.27 -6.02 -4.92
CA ILE A 25 2.16 -4.97 -3.92
C ILE A 25 3.30 -3.96 -4.01
N PRO A 26 3.01 -2.75 -4.50
CA PRO A 26 3.97 -1.65 -4.52
C PRO A 26 4.03 -0.92 -3.18
N GLY A 27 5.03 -0.06 -3.03
CA GLY A 27 5.17 0.69 -1.80
C GLY A 27 4.55 2.07 -1.88
N THR A 28 3.77 2.33 -2.90
CA THR A 28 3.05 3.59 -3.01
C THR A 28 1.67 3.37 -3.62
N TRP A 29 0.67 4.03 -3.05
CA TRP A 29 -0.70 3.84 -3.47
C TRP A 29 -1.55 5.05 -3.06
N LEU A 30 -2.15 5.71 -4.04
CA LEU A 30 -3.05 6.82 -3.77
C LEU A 30 -4.23 6.31 -2.95
N CYS A 31 -4.52 6.96 -1.83
CA CYS A 31 -5.50 6.43 -0.91
C CYS A 31 -6.60 7.45 -0.61
N ARG A 32 -7.45 7.11 0.35
CA ARG A 32 -8.63 7.91 0.67
C ARG A 32 -8.27 9.31 1.12
N ASN A 33 -7.14 9.46 1.78
CA ASN A 33 -6.75 10.75 2.33
C ASN A 33 -6.04 11.62 1.30
N GLY A 34 -5.85 11.07 0.10
CA GLY A 34 -5.28 11.85 -0.99
C GLY A 34 -3.77 11.76 -1.01
N MET A 35 -3.20 11.18 0.03
CA MET A 35 -1.76 11.02 0.12
C MET A 35 -1.40 9.62 -0.34
N GLU A 36 -0.34 9.52 -1.14
CA GLU A 36 0.08 8.24 -1.67
C GLU A 36 0.84 7.45 -0.61
N GLY A 37 0.12 6.56 0.05
CA GLY A 37 0.67 5.85 1.20
C GLY A 37 1.79 4.90 0.82
N THR A 38 2.71 4.70 1.74
CA THR A 38 3.84 3.83 1.53
C THR A 38 3.66 2.51 2.28
N LEU A 39 3.55 1.42 1.53
CA LEU A 39 3.48 0.10 2.12
C LEU A 39 4.82 -0.22 2.75
N ILE A 40 4.77 -0.80 3.93
CA ILE A 40 5.96 -1.02 4.73
C ILE A 40 6.77 -2.19 4.18
N GLU A 41 7.87 -1.82 3.55
CA GLU A 41 8.79 -2.75 2.91
C GLU A 41 8.11 -3.59 1.84
N GLY A 42 8.26 -3.15 0.59
CA GLY A 42 7.68 -3.86 -0.52
C GLY A 42 8.36 -3.51 -1.83
N ASP A 43 7.60 -3.52 -2.92
CA ASP A 43 8.16 -3.24 -4.23
C ASP A 43 8.38 -1.74 -4.42
N LEU A 44 9.61 -1.37 -4.69
CA LEU A 44 9.97 0.04 -4.85
C LEU A 44 9.50 0.56 -6.20
N PRO A 45 8.86 1.74 -6.20
CA PRO A 45 8.34 2.37 -7.43
C PRO A 45 9.39 2.50 -8.52
N GLU A 46 9.12 1.89 -9.67
CA GLU A 46 9.99 2.00 -10.82
C GLU A 46 9.49 3.08 -11.75
N PRO A 1 -9.07 -13.04 -1.34
CA PRO A 1 -7.92 -12.11 -1.23
C PRO A 1 -6.67 -12.87 -0.81
N ARG A 2 -5.51 -12.36 -1.20
CA ARG A 2 -4.26 -13.03 -0.90
C ARG A 2 -3.60 -12.40 0.33
N GLN A 3 -3.15 -11.17 0.15
CA GLN A 3 -2.45 -10.45 1.19
C GLN A 3 -2.99 -9.04 1.32
N ILE A 4 -3.19 -8.62 2.55
CA ILE A 4 -3.68 -7.27 2.81
C ILE A 4 -2.51 -6.31 2.91
N ALA A 5 -2.46 -5.35 2.00
CA ALA A 5 -1.38 -4.38 2.01
C ALA A 5 -1.76 -3.19 2.87
N ARG A 6 -0.76 -2.53 3.42
CA ARG A 6 -0.99 -1.40 4.30
C ARG A 6 -0.10 -0.23 3.91
N TYR A 7 -0.71 0.80 3.39
CA TYR A 7 0.05 1.97 2.99
C TYR A 7 -0.01 3.02 4.08
N ARG A 8 1.16 3.43 4.55
CA ARG A 8 1.25 4.35 5.67
C ARG A 8 1.42 5.77 5.15
N THR A 9 0.55 6.65 5.62
CA THR A 9 0.50 8.01 5.13
C THR A 9 1.21 8.99 6.06
N ASP A 10 1.04 10.27 5.76
CA ASP A 10 1.63 11.36 6.54
C ASP A 10 1.17 11.29 8.00
N ASN A 11 -0.06 10.84 8.20
CA ASN A 11 -0.63 10.72 9.55
C ASN A 11 0.06 9.61 10.32
N GLY A 12 0.69 8.70 9.58
CA GLY A 12 1.26 7.53 10.20
C GLY A 12 0.27 6.40 10.27
N GLU A 13 -0.89 6.63 9.68
CA GLU A 13 -1.97 5.64 9.67
C GLU A 13 -1.68 4.54 8.66
N GLU A 14 -2.10 3.33 9.00
CA GLU A 14 -1.99 2.20 8.10
C GLU A 14 -3.28 2.05 7.31
N PHE A 15 -3.20 2.18 5.99
CA PHE A 15 -4.36 1.98 5.15
C PHE A 15 -4.33 0.58 4.55
N GLU A 16 -5.36 -0.20 4.84
CA GLU A 16 -5.38 -1.58 4.40
C GLU A 16 -6.15 -1.72 3.09
N VAL A 17 -5.62 -2.57 2.22
CA VAL A 17 -6.20 -2.85 0.92
C VAL A 17 -5.94 -4.30 0.54
N PRO A 18 -6.94 -5.17 0.77
CA PRO A 18 -6.85 -6.60 0.46
C PRO A 18 -6.94 -6.89 -1.03
N PHE A 19 -5.80 -7.18 -1.63
CA PHE A 19 -5.74 -7.54 -3.04
C PHE A 19 -5.72 -9.06 -3.22
N ALA A 20 -5.84 -9.51 -4.47
CA ALA A 20 -5.80 -10.92 -4.77
C ALA A 20 -4.38 -11.36 -5.07
N ASP A 21 -4.19 -12.68 -5.20
CA ASP A 21 -2.87 -13.26 -5.43
C ASP A 21 -2.30 -12.91 -6.80
N ASP A 22 -3.12 -12.28 -7.63
CA ASP A 22 -2.68 -11.90 -8.97
C ASP A 22 -2.08 -10.51 -8.96
N ALA A 23 -2.22 -9.81 -7.83
CA ALA A 23 -1.81 -8.42 -7.73
C ALA A 23 -0.35 -8.27 -7.36
N GLU A 24 0.32 -7.33 -8.02
CA GLU A 24 1.70 -6.99 -7.69
C GLU A 24 1.69 -5.78 -6.74
N ILE A 25 2.16 -6.00 -5.52
CA ILE A 25 2.01 -5.03 -4.45
C ILE A 25 3.18 -4.04 -4.39
N PRO A 26 2.92 -2.78 -4.74
CA PRO A 26 3.92 -1.71 -4.64
C PRO A 26 3.95 -1.09 -3.25
N GLY A 27 4.92 -0.23 -3.01
CA GLY A 27 5.02 0.47 -1.74
C GLY A 27 4.44 1.86 -1.81
N THR A 28 3.67 2.13 -2.84
CA THR A 28 2.95 3.39 -2.95
C THR A 28 1.56 3.19 -3.51
N TRP A 29 0.59 3.90 -2.96
CA TRP A 29 -0.79 3.77 -3.36
C TRP A 29 -1.58 4.98 -2.88
N LEU A 30 -2.31 5.60 -3.80
CA LEU A 30 -3.14 6.75 -3.45
C LEU A 30 -4.18 6.34 -2.42
N CYS A 31 -4.28 7.10 -1.34
CA CYS A 31 -5.24 6.78 -0.30
C CYS A 31 -6.33 7.84 -0.27
N ARG A 32 -7.39 7.58 0.48
CA ARG A 32 -8.56 8.46 0.51
C ARG A 32 -8.23 9.82 1.14
N ASN A 33 -7.04 9.93 1.73
CA ASN A 33 -6.60 11.18 2.32
C ASN A 33 -5.91 12.05 1.29
N GLY A 34 -5.61 11.48 0.12
CA GLY A 34 -5.03 12.26 -0.95
C GLY A 34 -3.52 12.19 -0.94
N MET A 35 -2.99 11.24 -0.19
CA MET A 35 -1.56 11.03 -0.11
C MET A 35 -1.22 9.61 -0.52
N GLU A 36 -0.25 9.46 -1.42
CA GLU A 36 0.25 8.15 -1.77
C GLU A 36 0.94 7.53 -0.56
N GLY A 37 0.26 6.59 0.07
CA GLY A 37 0.80 5.94 1.24
C GLY A 37 1.86 4.92 0.86
N THR A 38 2.73 4.62 1.80
CA THR A 38 3.80 3.66 1.56
C THR A 38 3.56 2.37 2.34
N LEU A 39 3.40 1.28 1.61
CA LEU A 39 3.35 -0.03 2.24
C LEU A 39 4.72 -0.33 2.80
N ILE A 40 4.73 -0.81 4.03
CA ILE A 40 5.93 -0.92 4.82
C ILE A 40 6.94 -1.82 4.14
N GLU A 41 7.92 -1.17 3.55
CA GLU A 41 8.97 -1.80 2.76
C GLU A 41 8.37 -2.71 1.69
N GLY A 42 7.68 -2.10 0.74
CA GLY A 42 7.10 -2.86 -0.35
C GLY A 42 7.93 -2.78 -1.61
N ASP A 43 7.35 -3.22 -2.73
CA ASP A 43 8.04 -3.21 -4.00
C ASP A 43 8.10 -1.79 -4.56
N LEU A 44 9.27 -1.40 -5.04
CA LEU A 44 9.48 -0.05 -5.51
C LEU A 44 9.57 0.00 -7.04
N PRO A 45 8.88 0.96 -7.67
CA PRO A 45 9.02 1.22 -9.10
C PRO A 45 10.40 1.76 -9.44
N GLU A 46 10.86 1.48 -10.65
CA GLU A 46 12.19 1.89 -11.07
C GLU A 46 12.14 3.31 -11.65
N PRO A 1 0.52 -12.88 -2.73
CA PRO A 1 -0.72 -12.65 -3.52
C PRO A 1 -1.95 -12.88 -2.66
N ARG A 2 -3.08 -12.27 -3.04
CA ARG A 2 -4.32 -12.34 -2.25
C ARG A 2 -4.06 -11.85 -0.84
N GLN A 3 -3.21 -10.85 -0.72
CA GLN A 3 -2.73 -10.38 0.57
C GLN A 3 -3.25 -8.99 0.86
N ILE A 4 -3.26 -8.63 2.13
CA ILE A 4 -3.69 -7.32 2.53
C ILE A 4 -2.48 -6.41 2.71
N ALA A 5 -2.41 -5.36 1.93
CA ALA A 5 -1.28 -4.46 1.99
C ALA A 5 -1.55 -3.36 3.00
N ARG A 6 -0.50 -2.89 3.65
CA ARG A 6 -0.62 -1.87 4.67
C ARG A 6 0.20 -0.65 4.28
N TYR A 7 -0.50 0.38 3.82
CA TYR A 7 0.15 1.59 3.39
C TYR A 7 0.09 2.63 4.49
N ARG A 8 1.25 3.11 4.89
CA ARG A 8 1.32 4.18 5.86
C ARG A 8 1.59 5.49 5.14
N THR A 9 0.61 6.37 5.16
CA THR A 9 0.71 7.65 4.47
C THR A 9 1.68 8.58 5.19
N ASP A 10 2.07 9.66 4.53
CA ASP A 10 2.94 10.67 5.13
C ASP A 10 2.28 11.25 6.38
N ASN A 11 0.98 11.07 6.46
CA ASN A 11 0.17 11.51 7.58
C ASN A 11 0.41 10.61 8.80
N GLY A 12 0.89 9.40 8.54
CA GLY A 12 1.06 8.44 9.59
C GLY A 12 -0.08 7.44 9.63
N GLU A 13 -1.13 7.71 8.85
CA GLU A 13 -2.29 6.83 8.79
C GLU A 13 -1.92 5.48 8.17
N GLU A 14 -2.25 4.41 8.87
CA GLU A 14 -2.03 3.06 8.35
C GLU A 14 -3.30 2.57 7.67
N PHE A 15 -3.16 2.13 6.43
CA PHE A 15 -4.32 1.68 5.64
C PHE A 15 -4.19 0.23 5.26
N GLU A 16 -5.32 -0.48 5.28
CA GLU A 16 -5.36 -1.88 4.88
C GLU A 16 -6.14 -2.03 3.58
N VAL A 17 -5.53 -2.73 2.62
CA VAL A 17 -6.14 -2.90 1.30
C VAL A 17 -5.89 -4.31 0.78
N PRO A 18 -6.88 -5.18 0.94
CA PRO A 18 -6.82 -6.57 0.44
C PRO A 18 -6.90 -6.65 -1.07
N PHE A 19 -5.78 -6.91 -1.71
CA PHE A 19 -5.70 -7.04 -3.16
C PHE A 19 -5.86 -8.49 -3.60
N ALA A 20 -5.96 -8.69 -4.91
CA ALA A 20 -6.07 -10.02 -5.49
C ALA A 20 -4.68 -10.63 -5.72
N ASP A 21 -4.64 -11.75 -6.42
CA ASP A 21 -3.37 -12.44 -6.66
C ASP A 21 -2.64 -11.86 -7.86
N ASP A 22 -3.38 -11.17 -8.72
CA ASP A 22 -2.81 -10.66 -9.97
C ASP A 22 -2.17 -9.29 -9.75
N ALA A 23 -2.49 -8.67 -8.63
CA ALA A 23 -2.01 -7.34 -8.32
C ALA A 23 -0.59 -7.37 -7.78
N GLU A 24 0.30 -6.66 -8.43
CA GLU A 24 1.65 -6.47 -7.92
C GLU A 24 1.65 -5.27 -6.98
N ILE A 25 1.92 -5.54 -5.71
CA ILE A 25 1.74 -4.55 -4.67
C ILE A 25 3.01 -3.74 -4.42
N PRO A 26 2.98 -2.43 -4.71
CA PRO A 26 4.10 -1.54 -4.49
C PRO A 26 4.09 -0.93 -3.09
N GLY A 27 5.15 -0.18 -2.78
CA GLY A 27 5.24 0.50 -1.51
C GLY A 27 4.71 1.91 -1.58
N THR A 28 3.99 2.23 -2.65
CA THR A 28 3.31 3.51 -2.75
C THR A 28 1.96 3.34 -3.44
N TRP A 29 0.95 4.00 -2.89
CA TRP A 29 -0.42 3.82 -3.35
C TRP A 29 -1.30 4.96 -2.84
N LEU A 30 -2.05 5.57 -3.73
CA LEU A 30 -2.96 6.65 -3.35
C LEU A 30 -4.05 6.11 -2.43
N CYS A 31 -4.29 6.79 -1.32
CA CYS A 31 -5.25 6.31 -0.33
C CYS A 31 -6.44 7.26 -0.27
N ARG A 32 -7.45 6.89 0.53
CA ARG A 32 -8.66 7.69 0.65
C ARG A 32 -8.40 9.00 1.40
N ASN A 33 -7.19 9.14 1.92
CA ASN A 33 -6.81 10.37 2.60
C ASN A 33 -6.27 11.38 1.59
N GLY A 34 -6.05 10.91 0.36
CA GLY A 34 -5.63 11.81 -0.70
C GLY A 34 -4.13 12.02 -0.70
N MET A 35 -3.43 11.10 -0.05
CA MET A 35 -1.98 11.12 -0.04
C MET A 35 -1.47 9.74 -0.36
N GLU A 36 -0.29 9.66 -0.93
CA GLU A 36 0.31 8.37 -1.24
C GLU A 36 0.75 7.67 0.03
N GLY A 37 0.41 6.40 0.14
CA GLY A 37 0.80 5.63 1.30
C GLY A 37 1.92 4.67 0.99
N THR A 38 2.80 4.47 1.95
CA THR A 38 3.92 3.56 1.80
C THR A 38 3.62 2.24 2.48
N LEU A 39 3.49 1.17 1.70
CA LEU A 39 3.34 -0.17 2.26
C LEU A 39 4.59 -0.54 3.03
N ILE A 40 4.38 -0.83 4.29
CA ILE A 40 5.46 -1.09 5.22
C ILE A 40 6.26 -2.30 4.77
N GLU A 41 7.46 -2.00 4.33
CA GLU A 41 8.43 -2.99 3.84
C GLU A 41 7.95 -3.63 2.54
N GLY A 42 7.24 -2.85 1.72
CA GLY A 42 6.81 -3.32 0.42
C GLY A 42 7.87 -3.16 -0.64
N ASP A 43 7.48 -3.17 -1.90
CA ASP A 43 8.43 -3.08 -3.00
C ASP A 43 8.52 -1.66 -3.54
N LEU A 44 9.74 -1.19 -3.73
CA LEU A 44 9.97 0.15 -4.24
C LEU A 44 10.41 0.11 -5.70
N PRO A 45 9.51 0.48 -6.62
CA PRO A 45 9.83 0.55 -8.04
C PRO A 45 10.95 1.54 -8.32
N GLU A 46 11.99 1.09 -9.00
CA GLU A 46 13.13 1.93 -9.29
C GLU A 46 12.98 2.58 -10.66
N PRO A 1 0.71 -13.47 -1.14
CA PRO A 1 -0.30 -13.58 -2.21
C PRO A 1 -1.70 -13.47 -1.64
N ARG A 2 -2.58 -12.77 -2.35
CA ARG A 2 -3.94 -12.49 -1.87
C ARG A 2 -3.85 -11.80 -0.52
N GLN A 3 -2.86 -10.92 -0.41
CA GLN A 3 -2.48 -10.35 0.87
C GLN A 3 -2.96 -8.91 1.00
N ILE A 4 -2.77 -8.35 2.18
CA ILE A 4 -3.19 -6.99 2.45
C ILE A 4 -2.02 -6.04 2.30
N ALA A 5 -2.18 -5.03 1.46
CA ALA A 5 -1.17 -4.02 1.31
C ALA A 5 -1.43 -2.91 2.31
N ARG A 6 -0.40 -2.54 3.06
CA ARG A 6 -0.58 -1.62 4.16
C ARG A 6 0.30 -0.41 3.97
N TYR A 7 -0.31 0.68 3.54
CA TYR A 7 0.39 1.91 3.28
C TYR A 7 0.23 2.87 4.45
N ARG A 8 1.32 3.52 4.84
CA ARG A 8 1.26 4.49 5.91
C ARG A 8 1.09 5.88 5.33
N THR A 9 0.17 6.64 5.89
CA THR A 9 -0.10 7.97 5.41
C THR A 9 0.76 9.01 6.11
N ASP A 10 0.65 10.26 5.65
CA ASP A 10 1.45 11.37 6.17
C ASP A 10 1.16 11.60 7.65
N ASN A 11 -0.06 11.35 8.06
CA ASN A 11 -0.47 11.52 9.45
C ASN A 11 -0.18 10.28 10.28
N GLY A 12 0.43 9.27 9.66
CA GLY A 12 0.90 8.13 10.40
C GLY A 12 -0.03 6.93 10.36
N GLU A 13 -1.32 7.18 10.18
CA GLU A 13 -2.31 6.11 10.18
C GLU A 13 -2.03 5.09 9.08
N GLU A 14 -2.30 3.83 9.40
CA GLU A 14 -2.05 2.73 8.48
C GLU A 14 -3.30 2.45 7.64
N PHE A 15 -3.16 2.51 6.34
CA PHE A 15 -4.27 2.25 5.43
C PHE A 15 -4.09 0.90 4.77
N GLU A 16 -5.07 0.04 4.94
CA GLU A 16 -4.99 -1.31 4.42
C GLU A 16 -5.84 -1.46 3.16
N VAL A 17 -5.31 -2.21 2.20
CA VAL A 17 -6.01 -2.50 0.97
C VAL A 17 -5.73 -3.94 0.56
N PRO A 18 -6.64 -4.84 0.88
CA PRO A 18 -6.52 -6.26 0.55
C PRO A 18 -6.67 -6.52 -0.94
N PHE A 19 -5.56 -6.82 -1.59
CA PHE A 19 -5.57 -7.14 -3.01
C PHE A 19 -5.66 -8.65 -3.21
N ALA A 20 -6.10 -9.05 -4.38
CA ALA A 20 -6.17 -10.46 -4.72
C ALA A 20 -4.81 -10.96 -5.19
N ASP A 21 -4.70 -12.26 -5.41
CA ASP A 21 -3.42 -12.89 -5.76
C ASP A 21 -3.05 -12.64 -7.21
N ASP A 22 -3.95 -11.99 -7.94
CA ASP A 22 -3.71 -11.66 -9.34
C ASP A 22 -3.24 -10.22 -9.46
N ALA A 23 -3.12 -9.54 -8.33
CA ALA A 23 -2.75 -8.14 -8.33
C ALA A 23 -1.29 -7.94 -7.88
N GLU A 24 -0.71 -6.82 -8.30
CA GLU A 24 0.66 -6.48 -7.91
C GLU A 24 0.63 -5.71 -6.59
N ILE A 25 1.63 -5.94 -5.75
CA ILE A 25 1.69 -5.28 -4.45
C ILE A 25 2.87 -4.29 -4.39
N PRO A 26 2.61 -3.00 -4.64
CA PRO A 26 3.62 -1.96 -4.58
C PRO A 26 3.76 -1.35 -3.19
N GLY A 27 4.73 -0.46 -3.04
CA GLY A 27 4.91 0.22 -1.77
C GLY A 27 4.48 1.66 -1.85
N THR A 28 3.76 2.01 -2.90
CA THR A 28 3.15 3.32 -3.02
C THR A 28 1.78 3.21 -3.66
N TRP A 29 0.82 3.94 -3.11
CA TRP A 29 -0.55 3.87 -3.56
C TRP A 29 -1.32 5.09 -3.09
N LEU A 30 -2.03 5.73 -4.02
CA LEU A 30 -2.89 6.85 -3.69
C LEU A 30 -4.02 6.35 -2.80
N CYS A 31 -3.96 6.70 -1.52
CA CYS A 31 -4.89 6.15 -0.55
C CYS A 31 -6.14 6.99 -0.46
N ARG A 32 -7.09 6.55 0.37
CA ARG A 32 -8.32 7.31 0.61
C ARG A 32 -7.98 8.67 1.21
N ASN A 33 -6.82 8.75 1.83
CA ASN A 33 -6.31 9.99 2.40
C ASN A 33 -6.05 11.00 1.28
N GLY A 34 -5.78 10.50 0.08
CA GLY A 34 -5.43 11.38 -1.01
C GLY A 34 -3.95 11.60 -1.06
N MET A 35 -3.24 10.86 -0.23
CA MET A 35 -1.80 10.93 -0.15
C MET A 35 -1.19 9.64 -0.67
N GLU A 36 -0.02 9.74 -1.27
CA GLU A 36 0.74 8.56 -1.69
C GLU A 36 1.22 7.81 -0.47
N GLY A 37 0.55 6.70 -0.17
CA GLY A 37 0.92 5.91 0.98
C GLY A 37 2.04 4.94 0.67
N THR A 38 2.81 4.59 1.68
CA THR A 38 3.91 3.65 1.51
C THR A 38 3.71 2.41 2.36
N LEU A 39 3.73 1.26 1.71
CA LEU A 39 3.59 -0.02 2.37
C LEU A 39 4.89 -0.35 3.09
N ILE A 40 4.76 -0.67 4.36
CA ILE A 40 5.90 -1.01 5.19
C ILE A 40 6.51 -2.31 4.70
N GLU A 41 7.62 -2.18 4.01
CA GLU A 41 8.31 -3.27 3.37
C GLU A 41 7.44 -3.93 2.30
N GLY A 42 7.03 -3.14 1.32
CA GLY A 42 6.30 -3.66 0.17
C GLY A 42 7.25 -4.14 -0.90
N ASP A 43 6.91 -3.93 -2.17
CA ASP A 43 7.82 -4.28 -3.25
C ASP A 43 8.65 -3.07 -3.65
N LEU A 44 9.95 -3.27 -3.73
CA LEU A 44 10.87 -2.17 -4.03
C LEU A 44 11.07 -2.04 -5.54
N PRO A 45 10.62 -0.92 -6.13
CA PRO A 45 10.82 -0.63 -7.54
C PRO A 45 12.31 -0.50 -7.88
N GLU A 46 12.64 -0.71 -9.14
CA GLU A 46 14.02 -0.63 -9.58
C GLU A 46 14.24 0.66 -10.37
N PRO A 1 -4.96 -16.74 -3.70
CA PRO A 1 -4.79 -16.05 -2.41
C PRO A 1 -5.29 -14.61 -2.52
N ARG A 2 -5.36 -13.94 -1.38
CA ARG A 2 -5.87 -12.58 -1.29
C ARG A 2 -5.20 -11.88 -0.11
N GLN A 3 -4.17 -11.13 -0.40
CA GLN A 3 -3.32 -10.56 0.63
C GLN A 3 -3.68 -9.11 0.90
N ILE A 4 -3.58 -8.71 2.15
CA ILE A 4 -3.88 -7.35 2.55
C ILE A 4 -2.60 -6.55 2.66
N ALA A 5 -2.49 -5.51 1.85
CA ALA A 5 -1.32 -4.65 1.88
C ALA A 5 -1.55 -3.51 2.86
N ARG A 6 -0.47 -2.91 3.34
CA ARG A 6 -0.56 -1.85 4.32
C ARG A 6 0.21 -0.64 3.87
N TYR A 7 -0.50 0.37 3.41
CA TYR A 7 0.12 1.61 3.04
C TYR A 7 -0.03 2.60 4.17
N ARG A 8 1.08 3.10 4.67
CA ARG A 8 1.04 4.06 5.74
C ARG A 8 1.35 5.44 5.20
N THR A 9 0.44 6.35 5.44
CA THR A 9 0.61 7.73 5.03
C THR A 9 1.59 8.43 5.96
N ASP A 10 2.31 9.42 5.43
CA ASP A 10 3.31 10.13 6.24
C ASP A 10 2.62 10.95 7.32
N ASN A 11 1.29 11.07 7.19
CA ASN A 11 0.47 11.68 8.23
C ASN A 11 0.48 10.78 9.46
N GLY A 12 0.71 9.49 9.26
CA GLY A 12 0.78 8.57 10.37
C GLY A 12 -0.35 7.55 10.37
N GLU A 13 -1.24 7.67 9.39
CA GLU A 13 -2.38 6.76 9.32
C GLU A 13 -2.04 5.53 8.51
N GLU A 14 -2.40 4.36 9.03
CA GLU A 14 -2.19 3.11 8.30
C GLU A 14 -3.43 2.78 7.50
N PHE A 15 -3.25 2.22 6.32
CA PHE A 15 -4.36 1.86 5.45
C PHE A 15 -4.26 0.41 5.01
N GLU A 16 -5.33 -0.33 5.22
CA GLU A 16 -5.39 -1.72 4.78
C GLU A 16 -6.15 -1.84 3.47
N VAL A 17 -5.65 -2.67 2.58
CA VAL A 17 -6.25 -2.85 1.26
C VAL A 17 -6.03 -4.28 0.78
N PRO A 18 -7.08 -5.11 0.88
CA PRO A 18 -7.04 -6.50 0.43
C PRO A 18 -7.04 -6.61 -1.10
N PHE A 19 -5.88 -6.94 -1.65
CA PHE A 19 -5.73 -7.13 -3.08
C PHE A 19 -5.73 -8.61 -3.43
N ALA A 20 -5.97 -8.90 -4.70
CA ALA A 20 -5.87 -10.25 -5.21
C ALA A 20 -4.41 -10.60 -5.44
N ASP A 21 -4.12 -11.89 -5.51
CA ASP A 21 -2.74 -12.36 -5.69
C ASP A 21 -2.26 -12.08 -7.11
N ASP A 22 -3.21 -11.73 -7.98
CA ASP A 22 -2.93 -11.47 -9.38
C ASP A 22 -2.27 -10.10 -9.56
N ALA A 23 -2.31 -9.29 -8.52
CA ALA A 23 -1.78 -7.93 -8.59
C ALA A 23 -0.44 -7.82 -7.88
N GLU A 24 0.40 -6.90 -8.33
CA GLU A 24 1.68 -6.64 -7.71
C GLU A 24 1.55 -5.49 -6.73
N ILE A 25 2.26 -5.56 -5.61
CA ILE A 25 2.11 -4.59 -4.54
C ILE A 25 3.32 -3.66 -4.45
N PRO A 26 3.12 -2.38 -4.79
CA PRO A 26 4.17 -1.35 -4.68
C PRO A 26 4.23 -0.74 -3.28
N GLY A 27 5.23 0.10 -3.05
CA GLY A 27 5.36 0.77 -1.76
C GLY A 27 4.70 2.12 -1.75
N THR A 28 3.97 2.44 -2.80
CA THR A 28 3.17 3.65 -2.82
C THR A 28 1.85 3.41 -3.54
N TRP A 29 0.79 3.93 -2.96
CA TRP A 29 -0.56 3.72 -3.46
C TRP A 29 -1.50 4.78 -2.91
N LEU A 30 -2.29 5.36 -3.79
CA LEU A 30 -3.22 6.42 -3.41
C LEU A 30 -4.18 5.93 -2.34
N CYS A 31 -4.30 6.69 -1.27
CA CYS A 31 -5.15 6.31 -0.15
C CYS A 31 -6.34 7.26 -0.05
N ARG A 32 -7.27 6.94 0.83
CA ARG A 32 -8.52 7.69 0.95
C ARG A 32 -8.29 9.09 1.52
N ASN A 33 -7.05 9.39 1.88
CA ASN A 33 -6.69 10.71 2.39
C ASN A 33 -6.10 11.58 1.27
N GLY A 34 -5.87 10.98 0.11
CA GLY A 34 -5.37 11.75 -1.02
C GLY A 34 -3.87 11.76 -1.07
N MET A 35 -3.26 10.88 -0.28
CA MET A 35 -1.82 10.75 -0.25
C MET A 35 -1.44 9.33 -0.66
N GLU A 36 -0.36 9.19 -1.41
CA GLU A 36 0.13 7.87 -1.75
C GLU A 36 0.86 7.27 -0.56
N GLY A 37 0.17 6.41 0.16
CA GLY A 37 0.73 5.79 1.34
C GLY A 37 1.82 4.80 0.99
N THR A 38 2.70 4.57 1.94
CA THR A 38 3.83 3.69 1.72
C THR A 38 3.67 2.38 2.47
N LEU A 39 3.65 1.28 1.72
CA LEU A 39 3.69 -0.04 2.31
C LEU A 39 5.01 -0.23 3.02
N ILE A 40 4.96 -0.69 4.25
CA ILE A 40 6.13 -0.85 5.06
C ILE A 40 6.98 -1.99 4.52
N GLU A 41 8.06 -1.61 3.88
CA GLU A 41 8.96 -2.51 3.19
C GLU A 41 8.26 -3.19 2.01
N GLY A 42 8.35 -2.55 0.84
CA GLY A 42 7.72 -3.07 -0.34
C GLY A 42 8.58 -2.88 -1.58
N ASP A 43 7.97 -2.84 -2.75
CA ASP A 43 8.71 -2.69 -3.99
C ASP A 43 8.60 -1.25 -4.51
N LEU A 44 9.70 -0.75 -5.07
CA LEU A 44 9.74 0.63 -5.56
C LEU A 44 9.13 0.73 -6.96
N PRO A 45 8.44 1.84 -7.25
CA PRO A 45 7.86 2.09 -8.58
C PRO A 45 8.91 2.08 -9.69
N GLU A 46 8.69 1.29 -10.72
CA GLU A 46 9.62 1.20 -11.83
C GLU A 46 8.86 1.39 -13.14
#